data_6S5R
#
_entry.id   6S5R
#
_cell.length_a   91.003
_cell.length_b   91.003
_cell.length_c   315.583
_cell.angle_alpha   90.000
_cell.angle_beta   90.000
_cell.angle_gamma   120.000
#
_symmetry.space_group_name_H-M   'P 61 2 2'
#
loop_
_entity.id
_entity.type
_entity.pdbx_description
1 polymer 'Fucose-binding lectin'
2 polymer SBD6
3 non-polymer 'CALCIUM ION'
4 non-polymer '3,7-anhydro-2,8-dideoxy-L-glycero-D-gluco-octonic acid'
5 water water
#
loop_
_entity_poly.entity_id
_entity_poly.type
_entity_poly.pdbx_seq_one_letter_code
_entity_poly.pdbx_strand_id
1 'polypeptide(L)'
;MATQGVFTLPANTRFGVTAFANSSGTQTVNVLVNNETAATFSGQSTNNAVIGTQVLNSGSSGKVQVQVSVNGRPSDLVSA
QVILTNELNFALVGSEDGTDNDYNDAVVVINWPLG
;
A,B,C,D
2 'polypeptide(D)' (DLY)(DPP)(DTY) F,H
#
# COMPACT_ATOMS: atom_id res chain seq x y z
N ALA A 2 -18.61 10.31 -1.45
CA ALA A 2 -18.29 9.24 -0.52
C ALA A 2 -16.88 8.73 -0.72
N THR A 3 -16.25 8.26 0.35
CA THR A 3 -14.97 7.57 0.22
C THR A 3 -15.08 6.44 -0.80
N GLN A 4 -14.09 6.35 -1.69
CA GLN A 4 -14.01 5.29 -2.66
C GLN A 4 -12.65 4.62 -2.58
N GLY A 5 -12.59 3.35 -2.97
CA GLY A 5 -11.29 2.67 -3.03
C GLY A 5 -10.81 2.09 -1.71
N VAL A 6 -11.65 2.03 -0.70
CA VAL A 6 -11.28 1.49 0.61
C VAL A 6 -12.15 0.26 0.85
N PHE A 7 -11.53 -0.82 1.30
CA PHE A 7 -12.20 -2.10 1.44
C PHE A 7 -11.75 -2.78 2.73
N THR A 8 -12.70 -3.33 3.49
CA THR A 8 -12.32 -4.12 4.66
C THR A 8 -12.39 -5.60 4.31
N LEU A 9 -11.25 -6.22 4.40
CA LEU A 9 -11.08 -7.64 4.09
C LEU A 9 -11.07 -8.46 5.36
N PRO A 10 -11.34 -9.76 5.28
CA PRO A 10 -11.11 -10.63 6.45
C PRO A 10 -9.65 -10.52 6.87
N ALA A 11 -9.40 -10.63 8.17
CA ALA A 11 -8.06 -10.44 8.70
C ALA A 11 -7.10 -11.51 8.18
N ASN A 12 -5.82 -11.14 8.13
CA ASN A 12 -4.70 -12.02 7.78
C ASN A 12 -5.06 -12.99 6.67
N THR A 13 -5.50 -12.39 5.56
CA THR A 13 -5.96 -13.13 4.40
C THR A 13 -5.16 -12.69 3.18
N ARG A 14 -4.59 -13.66 2.47
CA ARG A 14 -3.91 -13.36 1.21
C ARG A 14 -4.93 -12.87 0.20
N PHE A 15 -4.56 -11.87 -0.58
CA PHE A 15 -5.42 -11.34 -1.63
C PHE A 15 -4.55 -10.92 -2.79
N GLY A 16 -5.13 -10.92 -3.98
CA GLY A 16 -4.44 -10.47 -5.17
C GLY A 16 -4.86 -9.06 -5.52
N VAL A 17 -3.93 -8.29 -6.08
CA VAL A 17 -4.23 -6.96 -6.58
C VAL A 17 -3.56 -6.78 -7.93
N THR A 18 -4.32 -6.31 -8.90
CA THR A 18 -3.84 -6.20 -10.27
C THR A 18 -4.40 -4.92 -10.87
N ALA A 19 -3.56 -4.21 -11.60
CA ALA A 19 -3.96 -2.94 -12.18
C ALA A 19 -3.70 -2.96 -13.68
N PHE A 20 -4.67 -2.43 -14.43
CA PHE A 20 -4.53 -2.24 -15.86
C PHE A 20 -4.67 -0.76 -16.17
N ALA A 21 -4.09 -0.34 -17.28
CA ALA A 21 -4.08 1.08 -17.62
C ALA A 21 -4.72 1.30 -18.99
N ASN A 22 -5.43 2.45 -19.12
CA ASN A 22 -6.05 2.86 -20.39
C ASN A 22 -6.09 4.39 -20.43
N SER A 23 -4.88 4.94 -20.59
CA SER A 23 -4.77 6.39 -20.63
C SER A 23 -3.42 6.77 -21.19
N SER A 24 -3.36 7.94 -21.83
CA SER A 24 -2.10 8.52 -22.29
C SER A 24 -1.17 8.81 -21.12
N GLY A 25 -1.74 8.95 -19.92
CA GLY A 25 -0.95 9.34 -18.77
C GLY A 25 -0.38 8.15 -18.01
N THR A 26 0.79 8.34 -17.44
CA THR A 26 1.42 7.29 -16.64
C THR A 26 0.70 7.15 -15.33
N GLN A 27 0.17 5.96 -15.06
CA GLN A 27 -0.63 5.74 -13.86
C GLN A 27 0.27 5.29 -12.71
N THR A 28 -0.05 5.79 -11.52
CA THR A 28 0.62 5.36 -10.30
C THR A 28 -0.43 4.87 -9.31
N VAL A 29 -0.37 3.58 -9.00
CA VAL A 29 -1.33 2.93 -8.12
C VAL A 29 -0.61 2.57 -6.82
N ASN A 30 -1.16 3.04 -5.72
CA ASN A 30 -0.65 2.72 -4.39
C ASN A 30 -1.69 1.88 -3.67
N VAL A 31 -1.21 0.80 -3.04
CA VAL A 31 -2.06 -0.08 -2.26
C VAL A 31 -1.55 -0.05 -0.82
N LEU A 32 -2.42 0.39 0.08
CA LEU A 32 -2.06 0.47 1.49
C LEU A 32 -2.85 -0.56 2.28
N VAL A 33 -2.15 -1.24 3.18
CA VAL A 33 -2.79 -2.23 4.03
C VAL A 33 -2.60 -1.80 5.47
N ASN A 34 -3.73 -1.57 6.13
CA ASN A 34 -3.76 -1.00 7.48
C ASN A 34 -2.85 0.23 7.56
N ASN A 35 -2.99 1.10 6.56
CA ASN A 35 -2.39 2.43 6.53
C ASN A 35 -0.87 2.39 6.31
N GLU A 36 -0.36 1.34 5.66
CA GLU A 36 1.03 1.27 5.23
C GLU A 36 1.05 0.85 3.77
N THR A 37 1.75 1.60 2.92
CA THR A 37 1.78 1.22 1.51
C THR A 37 2.47 -0.12 1.37
N ALA A 38 1.82 -1.02 0.64
CA ALA A 38 2.29 -2.39 0.52
C ALA A 38 2.71 -2.76 -0.88
N ALA A 39 2.22 -2.05 -1.88
CA ALA A 39 2.55 -2.31 -3.27
C ALA A 39 2.39 -1.01 -4.03
N THR A 40 3.25 -0.81 -5.03
CA THR A 40 3.19 0.37 -5.87
C THR A 40 3.40 -0.07 -7.31
N PHE A 41 2.41 0.18 -8.15
CA PHE A 41 2.47 -0.10 -9.58
C PHE A 41 2.56 1.21 -10.35
N SER A 42 3.21 1.13 -11.50
CA SER A 42 3.30 2.27 -12.41
C SER A 42 3.47 1.76 -13.83
N GLY A 43 2.77 2.39 -14.75
CA GLY A 43 2.87 2.05 -16.15
C GLY A 43 2.04 3.00 -16.98
N GLN A 44 2.16 2.84 -18.30
CA GLN A 44 1.27 3.58 -19.18
C GLN A 44 0.91 2.68 -20.34
N SER A 45 -0.38 2.72 -20.66
CA SER A 45 -0.94 1.93 -21.74
C SER A 45 -2.30 2.50 -22.09
N THR A 46 -2.64 2.43 -23.39
CA THR A 46 -3.99 2.76 -23.84
C THR A 46 -4.72 1.53 -24.36
N ASN A 47 -4.29 0.33 -23.99
CA ASN A 47 -5.13 -0.82 -24.33
C ASN A 47 -4.92 -1.93 -23.31
N ASN A 48 -5.15 -1.46 -22.08
CA ASN A 48 -5.50 -2.32 -20.93
C ASN A 48 -4.33 -3.21 -20.50
N ALA A 49 -3.10 -2.77 -20.70
CA ALA A 49 -1.96 -3.57 -20.27
C ALA A 49 -1.95 -3.70 -18.75
N VAL A 50 -1.57 -4.88 -18.27
CA VAL A 50 -1.31 -5.07 -16.85
C VAL A 50 -0.07 -4.29 -16.47
N ILE A 51 -0.22 -3.28 -15.62
CA ILE A 51 0.93 -2.52 -15.14
C ILE A 51 1.41 -3.01 -13.79
N GLY A 52 0.72 -3.96 -13.17
CA GLY A 52 1.17 -4.49 -11.90
C GLY A 52 0.25 -5.59 -11.40
N THR A 53 0.81 -6.55 -10.67
CA THR A 53 0.05 -7.64 -10.09
C THR A 53 0.85 -8.20 -8.93
N GLN A 54 0.20 -8.49 -7.80
CA GLN A 54 0.95 -8.99 -6.66
C GLN A 54 0.01 -9.53 -5.59
N VAL A 55 0.57 -10.41 -4.75
CA VAL A 55 -0.13 -11.05 -3.65
C VAL A 55 0.24 -10.33 -2.35
N LEU A 56 -0.77 -9.94 -1.57
CA LEU A 56 -0.54 -9.30 -0.29
C LEU A 56 -1.37 -9.99 0.78
N ASN A 57 -1.04 -9.69 2.03
CA ASN A 57 -1.79 -10.18 3.18
C ASN A 57 -2.55 -9.01 3.81
N SER A 58 -3.81 -9.25 4.16
CA SER A 58 -4.65 -8.18 4.71
C SER A 58 -4.27 -7.78 6.12
N GLY A 59 -3.49 -8.59 6.83
CA GLY A 59 -3.01 -8.19 8.13
C GLY A 59 -4.08 -8.19 9.21
N SER A 60 -3.74 -7.49 10.30
CA SER A 60 -4.50 -7.59 11.54
C SER A 60 -5.93 -7.07 11.37
N SER A 61 -6.09 -5.89 10.78
CA SER A 61 -7.34 -5.15 10.69
C SER A 61 -8.02 -5.27 9.33
N GLY A 62 -7.36 -5.85 8.33
CA GLY A 62 -7.98 -6.09 7.03
C GLY A 62 -8.28 -4.87 6.18
N LYS A 63 -7.73 -3.70 6.50
CA LYS A 63 -8.06 -2.50 5.75
C LYS A 63 -7.14 -2.37 4.55
N VAL A 64 -7.74 -2.33 3.35
CA VAL A 64 -7.01 -2.15 2.11
C VAL A 64 -7.52 -0.88 1.43
N GLN A 65 -6.61 -0.02 0.99
CA GLN A 65 -6.98 1.18 0.26
C GLN A 65 -6.19 1.27 -1.04
N VAL A 66 -6.89 1.58 -2.13
CA VAL A 66 -6.26 1.81 -3.44
C VAL A 66 -6.32 3.31 -3.73
N GLN A 67 -5.18 3.87 -4.14
CA GLN A 67 -5.18 5.25 -4.60
C GLN A 67 -4.45 5.31 -5.92
N VAL A 68 -4.93 6.20 -6.79
CA VAL A 68 -4.37 6.38 -8.11
C VAL A 68 -4.05 7.85 -8.31
N SER A 69 -2.84 8.11 -8.78
CA SER A 69 -2.39 9.45 -9.09
C SER A 69 -1.70 9.42 -10.46
N VAL A 70 -1.73 10.55 -11.13
CA VAL A 70 -1.02 10.74 -12.39
C VAL A 70 -0.24 12.04 -12.27
N ASN A 71 1.09 11.91 -12.28
CA ASN A 71 2.04 13.01 -12.10
C ASN A 71 1.71 13.85 -10.87
N GLY A 72 1.48 13.14 -9.78
CA GLY A 72 1.24 13.77 -8.50
C GLY A 72 -0.18 14.25 -8.28
N ARG A 73 -1.07 14.18 -9.31
CA ARG A 73 -2.45 14.62 -9.06
C ARG A 73 -3.35 13.41 -8.86
N PRO A 74 -4.19 13.37 -7.82
CA PRO A 74 -5.04 12.20 -7.61
C PRO A 74 -6.14 12.13 -8.66
N SER A 75 -6.38 10.93 -9.18
CA SER A 75 -7.54 10.76 -10.04
C SER A 75 -8.79 10.49 -9.21
N ASP A 76 -9.93 10.76 -9.82
CA ASP A 76 -11.20 10.52 -9.15
C ASP A 76 -11.54 9.04 -9.25
N LEU A 77 -11.90 8.43 -8.12
CA LEU A 77 -12.11 6.99 -8.02
C LEU A 77 -13.58 6.60 -7.92
N VAL A 78 -13.94 5.48 -8.57
CA VAL A 78 -15.19 4.76 -8.31
C VAL A 78 -14.82 3.35 -7.86
N SER A 79 -15.62 2.78 -6.96
CA SER A 79 -15.30 1.47 -6.43
C SER A 79 -16.56 0.77 -5.95
N ALA A 80 -16.43 -0.53 -5.73
CA ALA A 80 -17.46 -1.38 -5.16
C ALA A 80 -16.83 -2.73 -4.86
N GLN A 81 -17.44 -3.46 -3.93
CA GLN A 81 -17.08 -4.86 -3.69
C GLN A 81 -18.27 -5.75 -4.03
N VAL A 82 -17.98 -6.86 -4.72
CA VAL A 82 -18.98 -7.85 -5.10
C VAL A 82 -18.54 -9.24 -4.63
N ILE A 83 -19.49 -10.00 -4.08
CA ILE A 83 -19.25 -11.32 -3.49
C ILE A 83 -20.14 -12.33 -4.20
N LEU A 84 -19.54 -13.39 -4.71
CA LEU A 84 -20.26 -14.46 -5.38
C LEU A 84 -20.24 -15.73 -4.54
N THR A 85 -21.39 -16.42 -4.53
CA THR A 85 -21.67 -17.62 -3.74
C THR A 85 -21.11 -17.47 -2.33
N ASN A 86 -21.23 -16.26 -1.77
CA ASN A 86 -20.84 -15.97 -0.38
C ASN A 86 -19.36 -16.29 -0.11
N GLU A 87 -18.52 -16.29 -1.14
CA GLU A 87 -17.17 -16.83 -0.93
C GLU A 87 -16.11 -16.10 -1.75
N LEU A 88 -16.39 -15.85 -3.03
CA LEU A 88 -15.41 -15.25 -3.93
C LEU A 88 -15.64 -13.76 -3.97
N ASN A 89 -14.61 -12.99 -3.62
CA ASN A 89 -14.72 -11.55 -3.45
C ASN A 89 -13.93 -10.82 -4.52
N PHE A 90 -14.53 -9.77 -5.07
CA PHE A 90 -13.85 -8.81 -5.92
C PHE A 90 -14.02 -7.43 -5.32
N ALA A 91 -12.91 -6.74 -5.09
CA ALA A 91 -12.95 -5.31 -4.81
C ALA A 91 -12.45 -4.59 -6.07
N LEU A 92 -13.30 -3.74 -6.62
CA LEU A 92 -13.12 -3.16 -7.94
C LEU A 92 -12.92 -1.66 -7.82
N VAL A 93 -11.94 -1.13 -8.56
CA VAL A 93 -11.66 0.30 -8.57
C VAL A 93 -11.53 0.77 -10.01
N GLY A 94 -12.24 1.84 -10.34
CA GLY A 94 -11.96 2.56 -11.56
C GLY A 94 -11.46 3.97 -11.26
N SER A 95 -10.88 4.64 -12.24
CA SER A 95 -10.29 5.94 -11.95
C SER A 95 -10.29 6.80 -13.20
N GLU A 96 -10.42 8.11 -13.01
CA GLU A 96 -10.45 9.06 -14.11
C GLU A 96 -9.37 10.10 -13.91
N ASP A 97 -8.43 10.22 -14.85
CA ASP A 97 -7.37 11.20 -14.71
C ASP A 97 -7.60 12.46 -15.55
N GLY A 98 -8.73 12.53 -16.26
CA GLY A 98 -8.96 13.63 -17.17
C GLY A 98 -10.40 14.06 -17.21
N THR A 99 -10.91 14.35 -18.41
CA THR A 99 -12.23 14.93 -18.58
C THR A 99 -13.23 14.04 -19.30
N ASP A 100 -12.79 12.94 -19.93
CA ASP A 100 -13.71 12.15 -20.75
C ASP A 100 -14.60 11.22 -19.93
N ASN A 101 -14.23 10.94 -18.67
CA ASN A 101 -14.99 10.18 -17.68
C ASN A 101 -15.30 8.76 -18.15
N ASP A 102 -14.29 8.11 -18.71
CA ASP A 102 -14.45 6.68 -18.95
C ASP A 102 -14.04 5.85 -17.74
N TYR A 103 -13.36 6.46 -16.75
CA TYR A 103 -13.05 5.84 -15.46
C TYR A 103 -12.30 4.51 -15.61
N ASN A 104 -11.59 4.34 -16.72
CA ASN A 104 -10.78 3.16 -16.99
C ASN A 104 -9.29 3.48 -17.00
N ASP A 105 -8.92 4.72 -16.68
CA ASP A 105 -7.56 5.21 -16.87
C ASP A 105 -6.58 4.33 -16.12
N ALA A 106 -6.89 4.07 -14.86
CA ALA A 106 -6.33 2.94 -14.12
C ALA A 106 -7.50 2.16 -13.56
N VAL A 107 -7.49 0.86 -13.82
CA VAL A 107 -8.51 -0.09 -13.37
C VAL A 107 -7.79 -1.07 -12.45
N VAL A 108 -8.27 -1.20 -11.22
CA VAL A 108 -7.63 -2.04 -10.21
C VAL A 108 -8.62 -3.11 -9.76
N VAL A 109 -8.17 -4.37 -9.77
CA VAL A 109 -9.00 -5.49 -9.35
C VAL A 109 -8.31 -6.16 -8.18
N ILE A 110 -9.02 -6.29 -7.06
CA ILE A 110 -8.58 -7.03 -5.89
C ILE A 110 -9.45 -8.28 -5.80
N ASN A 111 -8.83 -9.45 -5.60
CA ASN A 111 -9.58 -10.70 -5.49
C ASN A 111 -9.08 -11.54 -4.31
N TRP A 112 -9.99 -12.24 -3.65
CA TRP A 112 -9.66 -13.18 -2.59
C TRP A 112 -10.84 -14.12 -2.39
N PRO A 113 -10.63 -15.30 -1.75
CA PRO A 113 -9.38 -15.89 -1.25
C PRO A 113 -8.46 -16.33 -2.38
N LEU A 114 -7.21 -16.56 -2.04
CA LEU A 114 -6.30 -17.18 -2.99
C LEU A 114 -6.00 -18.60 -2.53
N GLY A 115 -5.14 -19.28 -3.28
CA GLY A 115 -4.71 -20.63 -2.94
C GLY A 115 -5.62 -21.74 -3.46
N ALA B 2 -28.81 -21.81 -12.81
CA ALA B 2 -28.84 -20.80 -13.86
C ALA B 2 -27.54 -20.74 -14.68
N THR B 3 -27.68 -20.25 -15.91
CA THR B 3 -26.51 -20.08 -16.76
C THR B 3 -25.57 -19.06 -16.16
N GLN B 4 -24.28 -19.34 -16.24
CA GLN B 4 -23.25 -18.50 -15.66
C GLN B 4 -22.16 -18.34 -16.70
N GLY B 5 -21.41 -17.24 -16.61
CA GLY B 5 -20.29 -17.06 -17.52
C GLY B 5 -20.64 -16.53 -18.89
N VAL B 6 -21.88 -16.09 -19.09
CA VAL B 6 -22.32 -15.52 -20.36
C VAL B 6 -22.67 -14.06 -20.10
N PHE B 7 -22.16 -13.17 -20.95
CA PHE B 7 -22.42 -11.74 -20.82
C PHE B 7 -22.65 -11.15 -22.19
N THR B 8 -23.62 -10.23 -22.28
CA THR B 8 -23.91 -9.51 -23.51
C THR B 8 -23.20 -8.16 -23.44
N LEU B 9 -22.14 -8.02 -24.18
CA LEU B 9 -21.46 -6.75 -24.24
C LEU B 9 -22.08 -5.88 -25.32
N PRO B 10 -21.85 -4.57 -25.27
CA PRO B 10 -22.19 -3.73 -26.42
C PRO B 10 -21.55 -4.31 -27.68
N ALA B 11 -22.24 -4.18 -28.80
CA ALA B 11 -21.74 -4.72 -30.05
C ALA B 11 -20.45 -4.02 -30.47
N ASN B 12 -19.55 -4.79 -31.10
CA ASN B 12 -18.33 -4.27 -31.73
C ASN B 12 -17.54 -3.37 -30.79
N THR B 13 -17.45 -3.78 -29.53
CA THR B 13 -16.71 -3.05 -28.51
C THR B 13 -15.52 -3.88 -28.06
N ARG B 14 -14.36 -3.26 -27.99
CA ARG B 14 -13.20 -3.97 -27.47
C ARG B 14 -13.29 -4.08 -25.95
N PHE B 15 -12.84 -5.22 -25.46
CA PHE B 15 -12.82 -5.48 -24.04
C PHE B 15 -11.57 -6.26 -23.68
N GLY B 16 -11.21 -6.20 -22.42
CA GLY B 16 -10.10 -6.97 -21.89
C GLY B 16 -10.60 -8.17 -21.09
N VAL B 17 -9.86 -9.27 -21.20
CA VAL B 17 -10.15 -10.47 -20.43
C VAL B 17 -8.84 -10.96 -19.82
N THR B 18 -8.84 -11.15 -18.50
CA THR B 18 -7.69 -11.61 -17.75
C THR B 18 -8.11 -12.77 -16.85
N ALA B 19 -7.21 -13.73 -16.67
CA ALA B 19 -7.48 -14.93 -15.91
C ALA B 19 -6.38 -15.18 -14.89
N PHE B 20 -6.78 -15.63 -13.70
CA PHE B 20 -5.89 -15.95 -12.59
C PHE B 20 -6.15 -17.39 -12.15
N ALA B 21 -5.10 -18.07 -11.67
CA ALA B 21 -5.25 -19.45 -11.24
C ALA B 21 -4.92 -19.60 -9.76
N ASN B 22 -5.77 -20.36 -9.05
CA ASN B 22 -5.57 -20.71 -7.64
C ASN B 22 -6.00 -22.18 -7.43
N SER B 23 -5.21 -23.10 -7.96
CA SER B 23 -5.50 -24.52 -7.88
C SER B 23 -4.26 -25.33 -8.21
N SER B 24 -4.13 -26.51 -7.58
CA SER B 24 -3.08 -27.43 -8.00
C SER B 24 -3.32 -27.95 -9.41
N GLY B 25 -4.56 -27.88 -9.90
CA GLY B 25 -4.87 -28.34 -11.23
C GLY B 25 -4.68 -27.25 -12.27
N THR B 26 -4.30 -27.67 -13.47
CA THR B 26 -4.07 -26.72 -14.57
C THR B 26 -5.41 -26.23 -15.12
N GLN B 27 -5.55 -24.91 -15.19
CA GLN B 27 -6.77 -24.24 -15.59
C GLN B 27 -6.75 -23.95 -17.09
N THR B 28 -7.78 -24.39 -17.81
CA THR B 28 -7.91 -23.88 -19.16
C THR B 28 -9.21 -23.08 -19.24
N VAL B 29 -9.02 -21.86 -19.71
CA VAL B 29 -10.09 -20.87 -19.81
C VAL B 29 -10.32 -20.60 -21.29
N ASN B 30 -11.56 -20.77 -21.75
CA ASN B 30 -11.91 -20.42 -23.11
C ASN B 30 -12.86 -19.22 -23.09
N VAL B 31 -12.58 -18.23 -23.92
CA VAL B 31 -13.44 -17.07 -24.12
C VAL B 31 -14.06 -17.20 -25.51
N LEU B 32 -15.39 -17.27 -25.56
CA LEU B 32 -16.13 -17.44 -26.80
C LEU B 32 -16.83 -16.14 -27.14
N VAL B 33 -16.67 -15.70 -28.38
CA VAL B 33 -17.30 -14.50 -28.93
C VAL B 33 -18.26 -14.91 -30.04
N ASN B 34 -19.54 -14.55 -29.93
CA ASN B 34 -20.60 -14.99 -30.84
C ASN B 34 -20.56 -16.51 -31.03
N ASN B 35 -20.43 -17.21 -29.90
CA ASN B 35 -20.41 -18.67 -29.82
C ASN B 35 -19.20 -19.28 -30.49
N GLU B 36 -18.21 -18.49 -30.88
CA GLU B 36 -16.96 -18.99 -31.43
C GLU B 36 -15.80 -18.54 -30.55
N THR B 37 -14.82 -19.42 -30.38
CA THR B 37 -13.72 -19.17 -29.46
C THR B 37 -12.78 -18.09 -29.99
N ALA B 38 -12.44 -17.15 -29.11
CA ALA B 38 -11.56 -16.04 -29.47
C ALA B 38 -10.23 -16.04 -28.72
N ALA B 39 -10.10 -16.77 -27.62
CA ALA B 39 -8.87 -16.79 -26.84
C ALA B 39 -8.89 -17.99 -25.90
N THR B 40 -7.70 -18.50 -25.59
CA THR B 40 -7.58 -19.67 -24.71
C THR B 40 -6.34 -19.52 -23.83
N PHE B 41 -6.56 -19.53 -22.52
CA PHE B 41 -5.53 -19.42 -21.50
C PHE B 41 -5.37 -20.77 -20.81
N SER B 42 -4.13 -21.25 -20.67
CA SER B 42 -3.84 -22.40 -19.84
C SER B 42 -2.72 -22.03 -18.87
N GLY B 43 -2.80 -22.55 -17.66
CA GLY B 43 -1.78 -22.28 -16.68
C GLY B 43 -2.14 -22.94 -15.37
N GLN B 44 -1.11 -23.15 -14.56
CA GLN B 44 -1.27 -23.65 -13.20
C GLN B 44 -0.62 -22.68 -12.24
N SER B 45 -1.27 -22.47 -11.10
CA SER B 45 -0.81 -21.58 -10.06
C SER B 45 -1.68 -21.75 -8.84
N THR B 46 -1.07 -21.71 -7.66
CA THR B 46 -1.78 -21.60 -6.39
C THR B 46 -1.56 -20.23 -5.76
N ASN B 47 -1.05 -19.28 -6.52
CA ASN B 47 -0.77 -17.96 -5.96
C ASN B 47 -1.27 -16.86 -6.89
N ASN B 48 -2.41 -17.08 -7.56
CA ASN B 48 -3.13 -16.03 -8.27
C ASN B 48 -2.34 -15.44 -9.45
N ALA B 49 -1.45 -16.24 -10.05
CA ALA B 49 -0.71 -15.77 -11.22
C ALA B 49 -1.64 -15.50 -12.39
N VAL B 50 -1.28 -14.51 -13.20
CA VAL B 50 -2.09 -14.22 -14.38
C VAL B 50 -1.70 -15.22 -15.47
N ILE B 51 -2.62 -16.16 -15.72
CA ILE B 51 -2.36 -17.17 -16.76
C ILE B 51 -2.74 -16.70 -18.16
N GLY B 52 -3.37 -15.53 -18.28
CA GLY B 52 -3.74 -15.01 -19.58
C GLY B 52 -4.34 -13.63 -19.49
N THR B 53 -4.10 -12.80 -20.50
CA THR B 53 -4.88 -11.57 -20.60
C THR B 53 -4.71 -11.04 -22.01
N GLN B 54 -5.86 -10.66 -22.57
CA GLN B 54 -5.87 -10.17 -23.95
C GLN B 54 -7.03 -9.22 -24.14
N VAL B 55 -6.95 -8.49 -25.24
CA VAL B 55 -7.99 -7.59 -25.71
C VAL B 55 -8.77 -8.29 -26.81
N LEU B 56 -10.10 -8.28 -26.72
CA LEU B 56 -10.92 -8.85 -27.79
C LEU B 56 -12.03 -7.87 -28.15
N ASN B 57 -12.66 -8.13 -29.29
CA ASN B 57 -13.78 -7.32 -29.75
C ASN B 57 -15.06 -8.12 -29.59
N SER B 58 -16.10 -7.46 -29.08
CA SER B 58 -17.36 -8.15 -28.80
C SER B 58 -18.05 -8.61 -30.09
N GLY B 59 -17.77 -7.94 -31.21
CA GLY B 59 -18.29 -8.36 -32.49
C GLY B 59 -19.73 -7.94 -32.74
N SER B 60 -20.27 -8.47 -33.83
CA SER B 60 -21.66 -8.29 -34.24
C SER B 60 -22.62 -8.48 -33.08
N SER B 61 -22.44 -9.60 -32.37
CA SER B 61 -23.32 -10.17 -31.37
C SER B 61 -23.25 -9.45 -30.02
N GLY B 62 -22.00 -9.22 -29.61
CA GLY B 62 -21.73 -8.85 -28.24
C GLY B 62 -21.85 -9.98 -27.25
N LYS B 63 -22.09 -11.21 -27.71
CA LYS B 63 -22.19 -12.33 -26.79
C LYS B 63 -20.79 -12.86 -26.48
N VAL B 64 -20.45 -12.82 -25.20
CA VAL B 64 -19.18 -13.23 -24.64
C VAL B 64 -19.44 -14.35 -23.64
N GLN B 65 -18.76 -15.49 -23.76
CA GLN B 65 -18.94 -16.55 -22.78
C GLN B 65 -17.60 -17.08 -22.33
N VAL B 66 -17.46 -17.24 -21.02
CA VAL B 66 -16.27 -17.81 -20.39
C VAL B 66 -16.60 -19.25 -19.99
N GLN B 67 -15.71 -20.18 -20.35
CA GLN B 67 -15.77 -21.55 -19.87
C GLN B 67 -14.44 -21.94 -19.23
N VAL B 68 -14.51 -22.81 -18.23
CA VAL B 68 -13.35 -23.21 -17.44
C VAL B 68 -13.35 -24.73 -17.34
N SER B 69 -12.34 -25.36 -17.94
CA SER B 69 -12.11 -26.78 -17.84
C SER B 69 -10.81 -27.02 -17.08
N VAL B 70 -10.78 -28.10 -16.31
CA VAL B 70 -9.49 -28.56 -15.82
C VAL B 70 -9.39 -30.05 -16.10
N ASN B 71 -8.39 -30.34 -16.93
CA ASN B 71 -8.16 -31.70 -17.43
C ASN B 71 -9.44 -32.26 -18.07
N GLY B 72 -10.08 -31.45 -18.91
CA GLY B 72 -11.26 -31.89 -19.61
C GLY B 72 -12.53 -32.05 -18.79
N ARG B 73 -12.55 -31.56 -17.56
CA ARG B 73 -13.74 -31.58 -16.72
C ARG B 73 -14.24 -30.14 -16.58
N PRO B 74 -15.47 -29.83 -16.99
CA PRO B 74 -15.98 -28.45 -16.83
C PRO B 74 -16.09 -28.08 -15.37
N SER B 75 -15.66 -26.88 -15.04
CA SER B 75 -15.77 -26.41 -13.67
C SER B 75 -17.12 -25.74 -13.45
N ASP B 76 -17.58 -25.78 -12.20
CA ASP B 76 -18.81 -25.09 -11.83
C ASP B 76 -18.53 -23.59 -11.75
N LEU B 77 -19.28 -22.80 -12.52
CA LEU B 77 -19.04 -21.37 -12.61
C LEU B 77 -19.99 -20.57 -11.74
N VAL B 78 -19.48 -19.41 -11.27
CA VAL B 78 -20.29 -18.33 -10.71
C VAL B 78 -19.91 -17.06 -11.46
N SER B 79 -20.89 -16.17 -11.65
CA SER B 79 -20.61 -14.99 -12.46
C SER B 79 -21.60 -13.87 -12.14
N ALA B 80 -21.18 -12.66 -12.46
CA ALA B 80 -22.05 -11.47 -12.39
C ALA B 80 -21.37 -10.36 -13.16
N GLN B 81 -22.17 -9.41 -13.63
CA GLN B 81 -21.65 -8.17 -14.20
C GLN B 81 -21.97 -7.02 -13.26
N VAL B 82 -21.03 -6.09 -13.11
CA VAL B 82 -21.21 -4.89 -12.29
C VAL B 82 -20.77 -3.67 -13.08
N ILE B 83 -21.52 -2.58 -12.96
CA ILE B 83 -21.28 -1.33 -13.71
C ILE B 83 -21.09 -0.21 -12.71
N LEU B 84 -19.97 0.49 -12.81
CA LEU B 84 -19.70 1.64 -11.95
C LEU B 84 -19.88 2.93 -12.74
N THR B 85 -20.42 3.93 -12.05
CA THR B 85 -20.77 5.26 -12.57
C THR B 85 -21.37 5.18 -13.96
N ASN B 86 -22.23 4.17 -14.18
CA ASN B 86 -22.95 3.99 -15.44
C ASN B 86 -22.02 3.91 -16.64
N GLU B 87 -20.79 3.45 -16.49
CA GLU B 87 -19.92 3.50 -17.65
C GLU B 87 -18.79 2.48 -17.58
N LEU B 88 -18.27 2.15 -16.41
CA LEU B 88 -17.18 1.18 -16.36
C LEU B 88 -17.73 -0.17 -15.92
N ASN B 89 -17.39 -1.16 -16.73
CA ASN B 89 -18.02 -2.48 -16.68
C ASN B 89 -17.03 -3.56 -16.28
N PHE B 90 -17.48 -4.43 -15.38
CA PHE B 90 -16.72 -5.64 -15.10
C PHE B 90 -17.68 -6.81 -15.21
N ALA B 91 -17.24 -7.78 -16.01
CA ALA B 91 -17.87 -9.10 -16.04
C ALA B 91 -16.96 -10.07 -15.29
N LEU B 92 -17.50 -10.71 -14.26
CA LEU B 92 -16.69 -11.45 -13.30
C LEU B 92 -17.10 -12.92 -13.28
N VAL B 93 -16.09 -13.80 -13.25
CA VAL B 93 -16.30 -15.24 -13.27
C VAL B 93 -15.39 -15.90 -12.25
N GLY B 94 -15.98 -16.73 -11.38
CA GLY B 94 -15.24 -17.66 -10.56
C GLY B 94 -15.59 -19.09 -10.97
N SER B 95 -14.79 -20.03 -10.46
CA SER B 95 -14.97 -21.43 -10.87
C SER B 95 -14.38 -22.35 -9.82
N GLU B 96 -14.96 -23.55 -9.74
CA GLU B 96 -14.60 -24.54 -8.75
C GLU B 96 -14.31 -25.84 -9.47
N ASP B 97 -13.13 -26.42 -9.24
CA ASP B 97 -12.75 -27.68 -9.87
C ASP B 97 -12.78 -28.87 -8.92
N GLY B 98 -13.05 -28.65 -7.64
CA GLY B 98 -13.00 -29.73 -6.68
C GLY B 98 -14.08 -29.62 -5.62
N THR B 99 -13.74 -29.90 -4.39
CA THR B 99 -14.70 -29.91 -3.36
C THR B 99 -14.62 -28.91 -2.26
N ASP B 100 -13.64 -28.03 -2.29
CA ASP B 100 -13.49 -27.07 -1.21
C ASP B 100 -14.35 -25.82 -1.40
N ASN B 101 -14.92 -25.61 -2.59
CA ASN B 101 -15.84 -24.51 -2.84
C ASN B 101 -15.24 -23.16 -2.49
N ASP B 102 -13.98 -22.94 -2.85
CA ASP B 102 -13.46 -21.58 -2.77
C ASP B 102 -13.73 -20.80 -4.04
N TYR B 103 -14.13 -21.48 -5.11
CA TYR B 103 -14.55 -20.88 -6.39
C TYR B 103 -13.52 -19.87 -6.92
N ASN B 104 -12.25 -20.06 -6.56
CA ASN B 104 -11.17 -19.23 -7.07
C ASN B 104 -10.22 -19.98 -7.99
N ASP B 105 -10.51 -21.26 -8.30
CA ASP B 105 -9.54 -22.11 -8.99
C ASP B 105 -9.09 -21.49 -10.32
N ALA B 106 -10.04 -20.98 -11.11
CA ALA B 106 -9.74 -20.01 -12.15
C ALA B 106 -10.67 -18.82 -11.95
N VAL B 107 -10.08 -17.63 -11.84
CA VAL B 107 -10.84 -16.39 -11.70
C VAL B 107 -10.66 -15.59 -12.98
N VAL B 108 -11.76 -15.14 -13.58
CA VAL B 108 -11.71 -14.43 -14.84
C VAL B 108 -12.34 -13.06 -14.66
N VAL B 109 -11.66 -12.03 -15.17
CA VAL B 109 -12.11 -10.65 -15.12
C VAL B 109 -12.20 -10.10 -16.54
N ILE B 110 -13.39 -9.68 -16.94
CA ILE B 110 -13.61 -8.91 -18.17
C ILE B 110 -13.86 -7.46 -17.79
N ASN B 111 -13.23 -6.53 -18.50
CA ASN B 111 -13.46 -5.10 -18.26
C ASN B 111 -13.56 -4.36 -19.59
N TRP B 112 -14.49 -3.40 -19.65
CA TRP B 112 -14.58 -2.47 -20.75
C TRP B 112 -15.24 -1.20 -20.24
N PRO B 113 -15.11 -0.07 -20.94
CA PRO B 113 -14.37 0.16 -22.19
C PRO B 113 -12.87 0.28 -21.93
N LEU B 114 -12.09 0.10 -22.98
CA LEU B 114 -10.64 0.29 -22.94
C LEU B 114 -10.27 1.58 -23.66
N GLY B 115 -9.01 1.95 -23.55
CA GLY B 115 -8.48 3.09 -24.29
C GLY B 115 -8.52 4.37 -23.48
N ALA C 2 18.94 7.42 33.72
CA ALA C 2 17.73 8.22 33.62
C ALA C 2 16.62 7.50 32.86
N THR C 3 15.38 7.81 33.20
CA THR C 3 14.23 7.18 32.54
C THR C 3 14.19 7.53 31.06
N GLN C 4 13.85 6.54 30.24
CA GLN C 4 13.82 6.68 28.79
C GLN C 4 12.52 6.12 28.25
N GLY C 5 12.11 6.63 27.09
CA GLY C 5 10.91 6.12 26.45
C GLY C 5 9.61 6.57 27.07
N VAL C 6 9.64 7.64 27.87
CA VAL C 6 8.40 8.18 28.38
C VAL C 6 8.35 9.65 28.01
N PHE C 7 7.18 10.02 27.50
CA PHE C 7 6.98 11.33 26.92
C PHE C 7 5.64 11.87 27.38
N THR C 8 5.61 13.17 27.67
CA THR C 8 4.38 13.88 28.03
C THR C 8 3.84 14.54 26.77
N LEU C 9 2.80 14.01 26.22
CA LEU C 9 2.16 14.64 25.09
C LEU C 9 1.10 15.60 25.58
N PRO C 10 0.69 16.56 24.75
CA PRO C 10 -0.52 17.33 25.06
C PRO C 10 -1.70 16.39 25.24
N ALA C 11 -2.61 16.76 26.14
CA ALA C 11 -3.74 15.91 26.46
C ALA C 11 -4.67 15.74 25.26
N ASN C 12 -5.29 14.57 25.17
CA ASN C 12 -6.40 14.31 24.26
C ASN C 12 -6.01 14.62 22.80
N THR C 13 -4.86 14.10 22.39
CA THR C 13 -4.28 14.45 21.10
C THR C 13 -3.94 13.17 20.34
N ARG C 14 -4.51 13.01 19.14
CA ARG C 14 -4.14 11.94 18.23
C ARG C 14 -2.65 12.00 17.93
N PHE C 15 -1.98 10.85 17.97
CA PHE C 15 -0.56 10.78 17.58
C PHE C 15 -0.28 9.46 16.89
N GLY C 16 0.67 9.48 15.96
CA GLY C 16 1.13 8.28 15.31
C GLY C 16 2.23 7.61 16.11
N VAL C 17 2.25 6.28 16.08
CA VAL C 17 3.37 5.52 16.63
C VAL C 17 3.70 4.40 15.66
N THR C 18 4.98 4.28 15.31
CA THR C 18 5.45 3.40 14.25
C THR C 18 6.76 2.77 14.70
N ALA C 19 6.89 1.45 14.51
CA ALA C 19 8.04 0.70 15.00
C ALA C 19 8.76 -0.04 13.87
N PHE C 20 10.09 -0.08 13.95
CA PHE C 20 10.98 -0.74 13.00
C PHE C 20 11.85 -1.75 13.73
N ALA C 21 12.16 -2.88 13.07
CA ALA C 21 13.01 -3.90 13.67
C ALA C 21 14.33 -4.00 12.92
N ASN C 22 15.42 -4.22 13.68
CA ASN C 22 16.79 -4.37 13.14
C ASN C 22 17.56 -5.35 14.02
N SER C 23 17.14 -6.63 14.03
CA SER C 23 17.71 -7.60 14.96
C SER C 23 17.29 -9.01 14.57
N SER C 24 18.12 -9.99 14.92
CA SER C 24 17.68 -11.38 14.78
C SER C 24 16.57 -11.73 15.76
N GLY C 25 16.43 -10.98 16.84
CA GLY C 25 15.40 -11.26 17.81
C GLY C 25 14.07 -10.63 17.43
N THR C 26 12.99 -11.34 17.77
CA THR C 26 11.66 -10.80 17.58
C THR C 26 11.42 -9.69 18.61
N GLN C 27 11.10 -8.50 18.12
CA GLN C 27 10.88 -7.40 19.04
C GLN C 27 9.39 -7.22 19.31
N THR C 28 9.09 -7.05 20.59
CA THR C 28 7.73 -6.70 20.95
C THR C 28 7.75 -5.32 21.60
N VAL C 29 6.96 -4.46 20.98
CA VAL C 29 6.87 -3.04 21.35
C VAL C 29 5.50 -2.80 21.96
N ASN C 30 5.47 -2.43 23.24
CA ASN C 30 4.20 -2.05 23.82
C ASN C 30 4.19 -0.56 24.11
N VAL C 31 3.09 0.05 23.67
CA VAL C 31 2.84 1.47 23.85
C VAL C 31 1.78 1.65 24.93
N LEU C 32 2.15 2.28 26.03
CA LEU C 32 1.23 2.51 27.14
C LEU C 32 0.79 3.96 27.15
N VAL C 33 -0.52 4.17 27.25
CA VAL C 33 -1.10 5.49 27.44
C VAL C 33 -1.73 5.52 28.82
N ASN C 34 -1.35 6.52 29.61
CA ASN C 34 -1.83 6.67 30.98
C ASN C 34 -1.62 5.38 31.76
N ASN C 35 -0.43 4.81 31.58
CA ASN C 35 0.03 3.60 32.27
C ASN C 35 -0.74 2.35 31.86
N GLU C 36 -1.53 2.40 30.78
CA GLU C 36 -2.31 1.25 30.34
C GLU C 36 -1.93 0.90 28.91
N THR C 37 -1.79 -0.39 28.63
CA THR C 37 -1.36 -0.82 27.31
C THR C 37 -2.34 -0.34 26.25
N ALA C 38 -1.86 0.46 25.29
CA ALA C 38 -2.71 1.00 24.23
C ALA C 38 -2.48 0.38 22.86
N ALA C 39 -1.29 -0.16 22.60
CA ALA C 39 -0.98 -0.79 21.34
C ALA C 39 0.21 -1.73 21.56
N THR C 40 0.20 -2.86 20.85
CA THR C 40 1.29 -3.82 20.88
C THR C 40 1.71 -4.17 19.47
N PHE C 41 2.99 -3.99 19.17
CA PHE C 41 3.58 -4.44 17.91
C PHE C 41 4.53 -5.58 18.20
N SER C 42 4.57 -6.53 17.27
CA SER C 42 5.52 -7.63 17.34
C SER C 42 6.03 -7.90 15.94
N GLY C 43 7.28 -8.31 15.87
CA GLY C 43 7.83 -8.71 14.59
C GLY C 43 9.34 -8.79 14.64
N GLN C 44 9.90 -9.31 13.56
CA GLN C 44 11.34 -9.53 13.45
C GLN C 44 11.81 -9.11 12.08
N SER C 45 12.85 -8.29 12.03
CA SER C 45 13.51 -7.99 10.77
C SER C 45 14.91 -7.48 11.07
N THR C 46 15.83 -7.79 10.16
CA THR C 46 17.15 -7.18 10.19
C THR C 46 17.30 -6.10 9.12
N ASN C 47 16.21 -5.68 8.49
CA ASN C 47 16.27 -4.71 7.40
C ASN C 47 15.27 -3.59 7.60
N ASN C 48 15.04 -3.19 8.85
CA ASN C 48 14.26 -1.99 9.16
C ASN C 48 12.80 -2.12 8.73
N ALA C 49 12.28 -3.35 8.58
CA ALA C 49 10.88 -3.51 8.25
C ALA C 49 9.98 -2.85 9.30
N VAL C 50 8.90 -2.24 8.83
CA VAL C 50 7.91 -1.69 9.75
C VAL C 50 7.15 -2.85 10.40
N ILE C 51 7.23 -2.95 11.73
CA ILE C 51 6.53 -4.02 12.42
C ILE C 51 5.21 -3.56 13.02
N GLY C 52 4.87 -2.28 12.87
CA GLY C 52 3.64 -1.75 13.41
C GLY C 52 3.53 -0.25 13.17
N THR C 53 2.32 0.21 12.82
CA THR C 53 2.00 1.63 12.78
C THR C 53 0.56 1.79 13.19
N GLN C 54 0.29 2.84 13.98
CA GLN C 54 -1.05 3.03 14.53
C GLN C 54 -1.22 4.45 15.02
N VAL C 55 -2.47 4.88 15.02
CA VAL C 55 -2.78 6.17 15.61
C VAL C 55 -3.48 5.93 16.95
N LEU C 56 -2.98 6.62 17.97
CA LEU C 56 -3.48 6.53 19.32
C LEU C 56 -3.87 7.92 19.80
N ASN C 57 -4.50 7.98 20.98
CA ASN C 57 -4.91 9.21 21.64
C ASN C 57 -4.10 9.39 22.93
N SER C 58 -3.58 10.60 23.16
CA SER C 58 -2.89 11.10 24.35
C SER C 58 -3.61 10.72 25.64
N GLY C 59 -4.90 10.99 25.58
CA GLY C 59 -5.74 10.86 26.75
C GLY C 59 -5.61 12.04 27.69
N SER C 60 -6.27 11.92 28.84
CA SER C 60 -6.28 12.97 29.86
C SER C 60 -4.87 13.29 30.35
N SER C 61 -4.09 12.24 30.63
CA SER C 61 -2.75 12.41 31.17
C SER C 61 -1.77 12.91 30.09
N GLY C 62 -1.90 12.41 28.88
CA GLY C 62 -0.87 12.67 27.90
C GLY C 62 0.40 11.90 28.14
N LYS C 63 0.42 11.00 29.13
CA LYS C 63 1.57 10.17 29.46
C LYS C 63 1.65 9.00 28.47
N VAL C 64 2.66 9.00 27.59
CA VAL C 64 2.90 7.93 26.63
C VAL C 64 4.22 7.28 27.00
N GLN C 65 4.25 5.95 27.09
CA GLN C 65 5.54 5.31 27.33
C GLN C 65 5.70 4.11 26.41
N VAL C 66 6.93 4.02 25.90
CA VAL C 66 7.35 2.97 24.99
C VAL C 66 8.19 1.97 25.78
N GLN C 67 7.89 0.69 25.62
CA GLN C 67 8.64 -0.40 26.22
C GLN C 67 8.92 -1.45 25.16
N VAL C 68 10.12 -2.03 25.21
CA VAL C 68 10.50 -3.02 24.22
C VAL C 68 11.12 -4.21 24.93
N SER C 69 10.61 -5.39 24.55
CA SER C 69 11.05 -6.66 25.09
C SER C 69 11.45 -7.58 23.96
N VAL C 70 12.42 -8.45 24.23
CA VAL C 70 12.84 -9.49 23.28
C VAL C 70 12.91 -10.81 24.02
N ASN C 71 12.03 -11.74 23.63
CA ASN C 71 12.05 -13.02 24.33
C ASN C 71 11.75 -12.83 25.82
N GLY C 72 10.97 -11.82 26.20
CA GLY C 72 10.69 -11.51 27.58
C GLY C 72 11.61 -10.49 28.22
N ARG C 73 12.88 -10.45 27.81
CA ARG C 73 13.85 -9.59 28.48
C ARG C 73 13.71 -8.15 27.99
N PRO C 74 13.65 -7.17 28.89
CA PRO C 74 13.49 -5.77 28.45
C PRO C 74 14.77 -5.25 27.81
N SER C 75 14.60 -4.51 26.73
CA SER C 75 15.73 -3.87 26.06
C SER C 75 16.07 -2.54 26.71
N ASP C 76 17.35 -2.17 26.62
CA ASP C 76 17.71 -0.86 27.13
C ASP C 76 17.35 0.19 26.09
N LEU C 77 16.68 1.25 26.57
CA LEU C 77 16.11 2.25 25.69
C LEU C 77 16.91 3.56 25.73
N VAL C 78 16.98 4.22 24.59
CA VAL C 78 17.39 5.61 24.48
C VAL C 78 16.22 6.39 23.88
N SER C 79 16.07 7.65 24.29
CA SER C 79 14.95 8.41 23.78
C SER C 79 15.25 9.91 23.86
N ALA C 80 14.54 10.65 23.02
CA ALA C 80 14.53 12.11 23.06
C ALA C 80 13.28 12.58 22.34
N GLN C 81 12.91 13.84 22.58
CA GLN C 81 11.85 14.49 21.84
C GLN C 81 12.42 15.72 21.12
N VAL C 82 11.95 15.94 19.89
CA VAL C 82 12.44 17.02 19.04
C VAL C 82 11.24 17.78 18.50
N ILE C 83 11.30 19.12 18.52
CA ILE C 83 10.23 19.96 18.03
C ILE C 83 10.77 20.88 16.95
N LEU C 84 10.14 20.85 15.78
CA LEU C 84 10.56 21.74 14.70
C LEU C 84 9.47 22.77 14.44
N THR C 85 9.95 23.96 14.07
CA THR C 85 9.18 25.19 13.96
C THR C 85 8.09 25.26 15.03
N ASN C 86 8.45 24.86 16.26
CA ASN C 86 7.59 25.03 17.44
C ASN C 86 6.25 24.34 17.27
N GLU C 87 6.17 23.33 16.40
CA GLU C 87 4.86 22.76 16.06
C GLU C 87 4.91 21.26 15.80
N LEU C 88 5.88 20.80 15.03
CA LEU C 88 5.93 19.39 14.65
C LEU C 88 6.81 18.64 15.64
N ASN C 89 6.26 17.58 16.25
CA ASN C 89 6.88 16.87 17.35
C ASN C 89 7.30 15.48 16.92
N PHE C 90 8.51 15.09 17.27
CA PHE C 90 8.96 13.71 17.19
C PHE C 90 9.32 13.22 18.58
N ALA C 91 8.72 12.12 19.01
CA ALA C 91 9.22 11.36 20.15
C ALA C 91 9.90 10.10 19.60
N LEU C 92 11.17 9.91 19.93
CA LEU C 92 12.04 8.94 19.29
C LEU C 92 12.63 7.98 20.32
N VAL C 93 12.66 6.68 19.99
CA VAL C 93 13.15 5.65 20.88
C VAL C 93 14.07 4.70 20.12
N GLY C 94 15.23 4.42 20.70
CA GLY C 94 16.06 3.30 20.25
C GLY C 94 16.17 2.26 21.36
N SER C 95 16.49 1.02 20.99
CA SER C 95 16.52 -0.05 21.96
C SER C 95 17.63 -1.03 21.61
N GLU C 96 18.25 -1.60 22.65
CA GLU C 96 19.33 -2.55 22.49
C GLU C 96 18.96 -3.81 23.24
N ASP C 97 19.03 -4.94 22.54
CA ASP C 97 18.64 -6.23 23.11
C ASP C 97 19.84 -7.16 23.31
N GLY C 98 21.04 -6.70 23.01
CA GLY C 98 22.23 -7.54 23.08
C GLY C 98 23.48 -6.77 23.44
N THR C 99 24.56 -6.99 22.69
CA THR C 99 25.90 -6.57 23.04
C THR C 99 26.51 -5.49 22.13
N ASP C 100 26.04 -5.38 20.88
CA ASP C 100 26.75 -4.53 19.92
C ASP C 100 26.44 -3.05 20.08
N ASN C 101 25.43 -2.68 20.87
CA ASN C 101 25.17 -1.28 21.20
C ASN C 101 24.90 -0.43 19.94
N ASP C 102 24.19 -0.98 18.97
CA ASP C 102 23.72 -0.16 17.85
C ASP C 102 22.41 0.51 18.16
N TYR C 103 21.68 0.01 19.17
CA TYR C 103 20.49 0.66 19.71
C TYR C 103 19.42 0.88 18.65
N ASN C 104 19.43 0.04 17.62
CA ASN C 104 18.41 0.07 16.59
C ASN C 104 17.54 -1.17 16.57
N ASP C 105 17.70 -2.09 17.55
CA ASP C 105 17.06 -3.39 17.45
C ASP C 105 15.54 -3.25 17.31
N ALA C 106 14.96 -2.32 18.05
CA ALA C 106 13.62 -1.80 17.76
C ALA C 106 13.71 -0.29 17.78
N VAL C 107 13.19 0.35 16.73
CA VAL C 107 13.19 1.80 16.59
C VAL C 107 11.74 2.26 16.55
N VAL C 108 11.38 3.18 17.43
CA VAL C 108 9.99 3.62 17.43
C VAL C 108 9.95 5.14 17.31
N VAL C 109 9.15 5.53 16.34
CA VAL C 109 8.91 6.93 16.02
C VAL C 109 7.47 7.29 16.41
N ILE C 110 7.35 8.32 17.24
CA ILE C 110 6.05 8.88 17.61
C ILE C 110 6.01 10.29 17.04
N ASN C 111 4.94 10.64 16.34
CA ASN C 111 4.90 11.99 15.81
C ASN C 111 3.50 12.55 15.95
N TRP C 112 3.47 13.87 16.12
CA TRP C 112 2.24 14.62 16.25
C TRP C 112 2.54 16.09 16.01
N PRO C 113 1.52 16.90 15.66
CA PRO C 113 0.11 16.54 15.51
C PRO C 113 -0.17 15.78 14.19
N LEU C 114 -1.32 15.14 14.12
CA LEU C 114 -1.80 14.45 12.93
C LEU C 114 -2.87 15.29 12.23
N GLY C 115 -3.25 14.86 11.04
CA GLY C 115 -4.38 15.46 10.35
C GLY C 115 -4.01 16.52 9.34
N ALA D 2 17.20 29.14 5.47
CA ALA D 2 18.30 28.17 5.37
C ALA D 2 17.84 26.89 4.70
N THR D 3 18.75 26.26 3.97
CA THR D 3 18.38 24.99 3.36
C THR D 3 17.91 24.00 4.40
N GLN D 4 16.83 23.32 4.04
CA GLN D 4 16.26 22.27 4.88
C GLN D 4 16.13 20.99 4.05
N GLY D 5 16.14 19.85 4.74
CA GLY D 5 15.92 18.59 4.05
C GLY D 5 17.16 17.95 3.46
N VAL D 6 18.34 18.52 3.70
CA VAL D 6 19.60 17.93 3.26
C VAL D 6 20.35 17.43 4.47
N PHE D 7 20.83 16.19 4.38
CA PHE D 7 21.62 15.57 5.44
C PHE D 7 22.84 14.91 4.84
N THR D 8 23.97 15.00 5.54
CA THR D 8 25.19 14.27 5.18
C THR D 8 25.31 13.01 6.04
N LEU D 9 25.11 11.86 5.44
CA LEU D 9 25.28 10.60 6.14
C LEU D 9 26.71 10.14 6.01
N PRO D 10 27.14 9.18 6.83
CA PRO D 10 28.39 8.47 6.54
C PRO D 10 28.27 7.79 5.18
N ALA D 11 29.35 7.83 4.42
CA ALA D 11 29.31 7.29 3.06
C ALA D 11 29.06 5.78 3.08
N ASN D 12 28.38 5.29 2.04
CA ASN D 12 28.22 3.85 1.79
C ASN D 12 27.52 3.14 2.94
N THR D 13 26.45 3.76 3.46
CA THR D 13 25.81 3.28 4.67
C THR D 13 24.31 3.10 4.39
N ARG D 14 23.78 1.94 4.76
CA ARG D 14 22.35 1.69 4.62
C ARG D 14 21.57 2.60 5.56
N PHE D 15 20.46 3.12 5.06
CA PHE D 15 19.57 3.91 5.90
C PHE D 15 18.13 3.65 5.50
N GLY D 16 17.22 3.73 6.46
CA GLY D 16 15.81 3.66 6.18
C GLY D 16 15.26 5.04 5.93
N VAL D 17 14.28 5.13 5.02
CA VAL D 17 13.54 6.36 4.76
C VAL D 17 12.05 6.04 4.81
N THR D 18 11.26 6.83 5.54
CA THR D 18 9.84 6.56 5.69
C THR D 18 9.06 7.87 5.72
N ALA D 19 7.98 7.88 4.93
CA ALA D 19 7.13 9.05 4.80
C ALA D 19 5.74 8.77 5.33
N PHE D 20 5.24 9.74 6.09
CA PHE D 20 3.86 9.77 6.55
C PHE D 20 3.14 10.97 5.90
N ALA D 21 1.82 10.88 5.78
CA ALA D 21 1.01 11.95 5.20
C ALA D 21 -0.13 12.35 6.15
N ASN D 22 -0.32 13.67 6.27
CA ASN D 22 -1.39 14.28 7.08
C ASN D 22 -1.90 15.51 6.31
N SER D 23 -2.60 15.26 5.22
CA SER D 23 -3.04 16.35 4.36
C SER D 23 -4.15 15.85 3.46
N SER D 24 -5.04 16.77 3.08
CA SER D 24 -5.95 16.45 2.00
C SER D 24 -5.22 16.38 0.68
N GLY D 25 -4.05 17.01 0.56
CA GLY D 25 -3.30 16.97 -0.69
C GLY D 25 -2.46 15.71 -0.84
N THR D 26 -2.38 15.24 -2.08
CA THR D 26 -1.53 14.12 -2.47
C THR D 26 -0.06 14.50 -2.38
N GLN D 27 0.69 13.87 -1.47
CA GLN D 27 2.09 14.17 -1.24
C GLN D 27 2.98 13.40 -2.20
N THR D 28 3.98 14.07 -2.78
CA THR D 28 5.04 13.39 -3.52
C THR D 28 6.38 13.67 -2.83
N VAL D 29 7.00 12.62 -2.33
CA VAL D 29 8.28 12.70 -1.63
C VAL D 29 9.35 12.13 -2.54
N ASN D 30 10.30 12.97 -2.94
CA ASN D 30 11.49 12.51 -3.62
C ASN D 30 12.65 12.44 -2.64
N VAL D 31 13.36 11.32 -2.67
CA VAL D 31 14.57 11.12 -1.88
C VAL D 31 15.71 11.03 -2.88
N LEU D 32 16.65 11.96 -2.78
CA LEU D 32 17.80 11.99 -3.68
C LEU D 32 19.07 11.60 -2.92
N VAL D 33 19.88 10.76 -3.55
CA VAL D 33 21.20 10.44 -3.07
C VAL D 33 22.20 10.92 -4.11
N ASN D 34 23.25 11.61 -3.66
CA ASN D 34 24.21 12.20 -4.57
C ASN D 34 23.51 12.99 -5.69
N ASN D 35 22.49 13.76 -5.31
CA ASN D 35 21.78 14.67 -6.20
C ASN D 35 21.03 13.96 -7.33
N GLU D 36 20.77 12.66 -7.20
CA GLU D 36 19.97 11.87 -8.13
C GLU D 36 18.82 11.21 -7.38
N THR D 37 17.62 11.21 -7.96
CA THR D 37 16.48 10.60 -7.28
C THR D 37 16.66 9.11 -7.10
N ALA D 38 16.63 8.68 -5.84
CA ALA D 38 16.81 7.28 -5.52
C ALA D 38 15.51 6.58 -5.16
N ALA D 39 14.50 7.34 -4.74
CA ALA D 39 13.21 6.79 -4.32
C ALA D 39 12.19 7.91 -4.36
N THR D 40 10.96 7.52 -4.69
CA THR D 40 9.83 8.43 -4.83
C THR D 40 8.64 7.82 -4.11
N PHE D 41 7.99 8.56 -3.22
CA PHE D 41 6.75 8.11 -2.60
C PHE D 41 5.65 9.09 -2.94
N SER D 42 4.45 8.56 -3.19
CA SER D 42 3.27 9.40 -3.33
C SER D 42 2.11 8.71 -2.63
N GLY D 43 1.23 9.54 -2.08
CA GLY D 43 0.09 9.03 -1.33
C GLY D 43 -0.66 10.17 -0.69
N GLN D 44 -1.87 9.85 -0.22
CA GLN D 44 -2.76 10.82 0.40
C GLN D 44 -3.34 10.22 1.66
N SER D 45 -3.22 10.94 2.76
CA SER D 45 -3.78 10.52 4.04
C SER D 45 -3.90 11.74 4.95
N THR D 46 -4.95 11.73 5.76
CA THR D 46 -5.12 12.68 6.85
C THR D 46 -4.99 12.01 8.21
N ASN D 47 -4.48 10.78 8.25
CA ASN D 47 -4.41 10.01 9.48
C ASN D 47 -3.05 9.32 9.59
N ASN D 48 -2.01 9.95 9.02
CA ASN D 48 -0.61 9.56 9.25
C ASN D 48 -0.26 8.22 8.60
N ALA D 49 -0.93 7.86 7.51
CA ALA D 49 -0.58 6.63 6.81
C ALA D 49 0.88 6.69 6.34
N VAL D 50 1.55 5.54 6.37
CA VAL D 50 2.89 5.48 5.78
C VAL D 50 2.69 5.28 4.28
N ILE D 51 2.98 6.37 3.54
CA ILE D 51 2.83 6.37 2.09
C ILE D 51 4.06 5.85 1.37
N GLY D 52 5.13 5.58 2.10
CA GLY D 52 6.30 4.96 1.51
C GLY D 52 7.32 4.60 2.55
N THR D 53 8.04 3.49 2.35
CA THR D 53 9.20 3.21 3.18
C THR D 53 10.17 2.36 2.36
N GLN D 54 11.46 2.61 2.59
CA GLN D 54 12.48 2.04 1.73
C GLN D 54 13.81 2.04 2.47
N VAL D 55 14.67 1.10 2.09
CA VAL D 55 16.06 1.05 2.53
C VAL D 55 16.93 1.49 1.38
N LEU D 56 17.85 2.42 1.64
CA LEU D 56 18.74 2.92 0.60
C LEU D 56 20.17 2.96 1.14
N ASN D 57 21.10 3.21 0.22
CA ASN D 57 22.52 3.34 0.55
C ASN D 57 22.98 4.78 0.31
N SER D 58 23.75 5.32 1.26
CA SER D 58 24.17 6.72 1.18
C SER D 58 25.18 6.96 0.06
N GLY D 59 25.77 5.91 -0.49
CA GLY D 59 26.66 6.08 -1.62
C GLY D 59 27.96 6.80 -1.27
N SER D 60 28.72 7.08 -2.33
CA SER D 60 30.02 7.75 -2.30
C SER D 60 30.00 9.02 -1.47
N SER D 61 28.95 9.82 -1.69
CA SER D 61 28.90 11.18 -1.16
C SER D 61 28.23 11.28 0.20
N GLY D 62 27.39 10.32 0.58
CA GLY D 62 26.66 10.43 1.83
C GLY D 62 25.59 11.50 1.83
N LYS D 63 25.44 12.22 0.73
CA LYS D 63 24.50 13.33 0.66
C LYS D 63 23.10 12.80 0.33
N VAL D 64 22.17 12.99 1.26
CA VAL D 64 20.78 12.64 0.96
C VAL D 64 19.94 13.88 1.20
N GLN D 65 19.02 14.05 0.25
CA GLN D 65 18.11 15.19 0.25
C GLN D 65 16.68 14.72 0.06
N VAL D 66 15.77 15.34 0.80
CA VAL D 66 14.35 15.05 0.72
C VAL D 66 13.66 16.28 0.15
N GLN D 67 12.81 16.06 -0.85
CA GLN D 67 11.98 17.11 -1.43
C GLN D 67 10.53 16.68 -1.45
N VAL D 68 9.63 17.62 -1.13
CA VAL D 68 8.20 17.35 -1.06
C VAL D 68 7.46 18.34 -1.96
N SER D 69 6.55 17.81 -2.78
CA SER D 69 5.67 18.66 -3.56
C SER D 69 4.24 18.12 -3.48
N VAL D 70 3.29 19.02 -3.63
CA VAL D 70 1.88 18.67 -3.79
C VAL D 70 1.40 19.31 -5.08
N ASN D 71 1.00 18.47 -6.03
CA ASN D 71 0.53 18.93 -7.33
C ASN D 71 1.59 19.81 -8.00
N GLY D 72 2.85 19.43 -7.85
CA GLY D 72 3.97 20.15 -8.42
C GLY D 72 4.44 21.35 -7.64
N ARG D 73 3.75 21.72 -6.56
CA ARG D 73 4.16 22.87 -5.77
C ARG D 73 5.08 22.41 -4.65
N PRO D 74 6.34 22.83 -4.62
CA PRO D 74 7.22 22.45 -3.52
C PRO D 74 6.60 22.87 -2.19
N SER D 75 6.68 21.99 -1.21
CA SER D 75 6.27 22.42 0.12
C SER D 75 7.44 23.08 0.82
N ASP D 76 7.11 23.90 1.81
CA ASP D 76 8.10 24.46 2.71
C ASP D 76 8.58 23.38 3.66
N LEU D 77 9.89 23.24 3.83
CA LEU D 77 10.46 22.16 4.63
C LEU D 77 11.06 22.69 5.93
N VAL D 78 10.94 21.87 6.98
CA VAL D 78 11.63 21.96 8.26
C VAL D 78 12.43 20.68 8.46
N SER D 79 13.68 20.75 8.92
CA SER D 79 14.43 19.54 9.16
C SER D 79 15.39 19.71 10.34
N ALA D 80 15.81 18.56 10.88
CA ALA D 80 16.94 18.50 11.79
C ALA D 80 17.42 17.06 11.87
N GLN D 81 18.61 16.89 12.44
CA GLN D 81 19.17 15.57 12.72
C GLN D 81 19.46 15.46 14.21
N VAL D 82 19.15 14.30 14.80
CA VAL D 82 19.39 14.06 16.22
C VAL D 82 20.09 12.73 16.37
N ILE D 83 21.04 12.66 17.31
CA ILE D 83 21.87 11.47 17.49
C ILE D 83 21.78 11.04 18.95
N LEU D 84 21.37 9.80 19.16
CA LEU D 84 21.18 9.23 20.49
C LEU D 84 22.34 8.28 20.81
N THR D 85 22.81 8.33 22.06
CA THR D 85 23.97 7.61 22.60
C THR D 85 25.10 7.51 21.57
N ASN D 86 25.33 8.61 20.86
CA ASN D 86 26.43 8.75 19.90
C ASN D 86 26.39 7.72 18.78
N GLU D 87 25.24 7.11 18.54
CA GLU D 87 25.14 5.97 17.63
C GLU D 87 23.90 6.03 16.75
N LEU D 88 22.76 6.32 17.35
CA LEU D 88 21.46 6.18 16.71
C LEU D 88 21.08 7.51 16.04
N ASN D 89 20.86 7.50 14.73
CA ASN D 89 20.66 8.73 13.97
C ASN D 89 19.24 8.81 13.43
N PHE D 90 18.59 9.94 13.65
CA PHE D 90 17.39 10.23 12.89
C PHE D 90 17.57 11.55 12.20
N ALA D 91 17.27 11.53 10.91
CA ALA D 91 17.12 12.72 10.10
C ALA D 91 15.63 12.96 9.90
N LEU D 92 15.17 14.15 10.26
CA LEU D 92 13.74 14.43 10.40
C LEU D 92 13.34 15.57 9.47
N VAL D 93 12.23 15.39 8.75
CA VAL D 93 11.73 16.38 7.80
C VAL D 93 10.24 16.64 8.07
N GLY D 94 9.85 17.90 8.14
CA GLY D 94 8.46 18.31 8.10
C GLY D 94 8.19 19.16 6.88
N SER D 95 6.92 19.29 6.51
CA SER D 95 6.58 19.98 5.27
C SER D 95 5.17 20.51 5.34
N GLU D 96 4.98 21.69 4.74
CA GLU D 96 3.68 22.32 4.76
C GLU D 96 3.31 22.70 3.33
N ASP D 97 2.13 22.20 2.94
CA ASP D 97 1.62 22.40 1.59
C ASP D 97 0.54 23.46 1.52
N GLY D 98 0.29 24.19 2.59
CA GLY D 98 -0.83 25.13 2.66
C GLY D 98 -0.53 26.29 3.57
N THR D 99 -1.53 26.72 4.34
CA THR D 99 -1.40 27.93 5.16
C THR D 99 -1.60 27.70 6.65
N ASP D 100 -2.07 26.53 7.08
CA ASP D 100 -2.28 26.28 8.50
C ASP D 100 -0.98 26.07 9.26
N ASN D 101 0.12 25.84 8.54
CA ASN D 101 1.47 25.61 9.07
C ASN D 101 1.52 24.59 10.20
N ASP D 102 0.82 23.47 10.03
CA ASP D 102 1.07 22.36 10.94
C ASP D 102 2.31 21.56 10.56
N TYR D 103 2.88 21.82 9.37
CA TYR D 103 4.13 21.20 8.90
C TYR D 103 4.16 19.68 9.10
N ASN D 104 3.00 19.04 9.06
CA ASN D 104 2.91 17.58 9.11
C ASN D 104 2.39 16.99 7.81
N ASP D 105 2.25 17.80 6.76
CA ASP D 105 1.54 17.34 5.57
C ASP D 105 2.21 16.14 4.93
N ALA D 106 3.53 16.21 4.76
CA ALA D 106 4.37 15.03 4.62
C ALA D 106 5.42 15.09 5.71
N VAL D 107 5.56 14.00 6.46
CA VAL D 107 6.59 13.84 7.47
C VAL D 107 7.52 12.72 7.02
N VAL D 108 8.81 13.01 6.95
CA VAL D 108 9.80 12.05 6.46
C VAL D 108 10.80 11.78 7.59
N VAL D 109 11.07 10.51 7.85
CA VAL D 109 12.00 10.10 8.90
C VAL D 109 13.07 9.19 8.27
N ILE D 110 14.33 9.58 8.43
CA ILE D 110 15.44 8.73 7.98
C ILE D 110 16.21 8.26 9.21
N ASN D 111 16.47 6.95 9.24
CA ASN D 111 17.14 6.37 10.39
C ASN D 111 18.28 5.47 9.95
N TRP D 112 19.35 5.48 10.75
CA TRP D 112 20.50 4.60 10.57
C TRP D 112 21.29 4.58 11.87
N PRO D 113 22.12 3.55 12.10
CA PRO D 113 22.41 2.39 11.24
C PRO D 113 21.26 1.39 11.18
N LEU D 114 21.29 0.50 10.20
CA LEU D 114 20.32 -0.57 10.12
C LEU D 114 20.99 -1.88 10.51
N GLY D 115 20.21 -2.95 10.50
CA GLY D 115 20.76 -4.28 10.75
C GLY D 115 20.90 -4.69 12.19
#